data_1QR4
#
_entry.id   1QR4
#
_cell.length_a   45.240
_cell.length_b   57.940
_cell.length_c   72.240
_cell.angle_alpha   90.00
_cell.angle_beta   91.40
_cell.angle_gamma   90.00
#
_symmetry.space_group_name_H-M   'P 1 21 1'
#
loop_
_entity.id
_entity.type
_entity.pdbx_description
1 polymer 'PROTEIN (TENASCIN)'
2 water water
#
_entity_poly.entity_id   1
_entity_poly.type   'polypeptide(L)'
_entity_poly.pdbx_seq_one_letter_code
;INAGTDLDNPKDLEVSDPTETTLSLRWRRPVAKFDRYRLTYVSPSGKKNEMEIPVDSTSFILRGLDAGTEYTISLVAEKG
RHKSKPTTIKGSTVVGSPKGISFSDITENSATVSWTPPRSRVDSYRVSYVPITGGTPNVVTVDGSKTRTKLVKLVPGVDY
NVNIISVKGFEESEPISGILKTALDS
;
_entity_poly.pdbx_strand_id   A,B
#
# COMPACT_ATOMS: atom_id res chain seq x y z
N ASP A 8 9.60 39.04 23.53
CA ASP A 8 9.04 38.35 22.34
C ASP A 8 9.59 36.91 22.33
N ASN A 9 8.73 35.91 22.20
CA ASN A 9 9.20 34.53 22.18
C ASN A 9 9.39 33.98 20.76
N PRO A 10 10.17 32.88 20.64
CA PRO A 10 10.43 32.26 19.34
C PRO A 10 9.11 31.70 18.83
N LYS A 11 8.71 32.06 17.62
CA LYS A 11 7.47 31.54 17.08
C LYS A 11 7.64 30.31 16.20
N ASP A 12 6.52 29.67 15.91
CA ASP A 12 6.44 28.48 15.08
C ASP A 12 7.52 27.43 15.18
N LEU A 13 7.65 26.86 16.37
CA LEU A 13 8.61 25.81 16.62
C LEU A 13 8.02 24.49 16.12
N GLU A 14 8.66 23.93 15.10
CA GLU A 14 8.22 22.66 14.52
C GLU A 14 9.37 21.65 14.40
N VAL A 15 9.03 20.36 14.54
CA VAL A 15 10.01 19.27 14.43
C VAL A 15 9.80 18.51 13.12
N SER A 16 10.90 18.29 12.40
CA SER A 16 10.84 17.58 11.12
C SER A 16 11.87 16.44 11.06
N ASP A 17 11.75 15.60 10.02
CA ASP A 17 12.66 14.48 9.74
C ASP A 17 13.02 13.55 10.94
N PRO A 18 12.00 12.95 11.58
CA PRO A 18 12.26 12.04 12.72
C PRO A 18 13.21 10.89 12.38
N THR A 19 14.20 10.70 13.23
CA THR A 19 15.19 9.66 13.11
C THR A 19 15.09 8.83 14.40
N GLU A 20 15.94 7.81 14.54
CA GLU A 20 15.95 6.98 15.74
C GLU A 20 16.64 7.68 16.88
N THR A 21 17.55 8.57 16.52
CA THR A 21 18.34 9.24 17.51
C THR A 21 18.33 10.77 17.34
N THR A 22 17.67 11.26 16.30
CA THR A 22 17.62 12.71 16.10
C THR A 22 16.27 13.27 15.75
N LEU A 23 16.18 14.59 15.90
CA LEU A 23 15.00 15.38 15.60
C LEU A 23 15.52 16.66 15.04
N SER A 24 14.89 17.12 13.96
CA SER A 24 15.29 18.35 13.31
C SER A 24 14.33 19.50 13.72
N LEU A 25 14.89 20.51 14.38
CA LEU A 25 14.10 21.64 14.85
C LEU A 25 14.20 22.89 13.98
N ARG A 26 13.07 23.58 13.83
CA ARG A 26 13.02 24.80 13.04
C ARG A 26 12.02 25.77 13.68
N TRP A 27 12.36 27.06 13.65
CA TRP A 27 11.51 28.09 14.25
C TRP A 27 11.78 29.48 13.68
N ARG A 28 10.98 30.43 14.13
CA ARG A 28 11.14 31.80 13.70
C ARG A 28 11.91 32.58 14.74
N ARG A 29 12.77 33.47 14.26
CA ARG A 29 13.60 34.29 15.14
C ARG A 29 12.74 35.39 15.75
N PRO A 30 13.06 35.79 16.99
CA PRO A 30 12.38 36.84 17.76
C PRO A 30 12.62 38.21 17.13
N VAL A 31 11.63 39.10 17.24
CA VAL A 31 11.74 40.44 16.69
C VAL A 31 12.61 41.27 17.62
N ALA A 32 12.59 40.94 18.91
CA ALA A 32 13.36 41.66 19.92
C ALA A 32 14.84 41.36 19.89
N LYS A 33 15.62 42.31 20.38
CA LYS A 33 17.05 42.14 20.44
C LYS A 33 17.33 41.09 21.51
N PHE A 34 18.19 40.11 21.23
CA PHE A 34 18.49 39.11 22.25
C PHE A 34 19.88 38.54 22.23
N ASP A 35 20.21 37.76 23.26
CA ASP A 35 21.52 37.16 23.45
C ASP A 35 21.79 35.85 22.73
N ARG A 36 20.99 34.86 23.10
CA ARG A 36 21.09 33.52 22.55
C ARG A 36 19.80 32.79 22.85
N TYR A 37 19.75 31.52 22.48
CA TYR A 37 18.59 30.69 22.71
C TYR A 37 18.98 29.58 23.68
N ARG A 38 18.00 29.06 24.39
CA ARG A 38 18.25 27.96 25.30
C ARG A 38 17.21 26.93 24.94
N LEU A 39 17.66 25.74 24.62
CA LEU A 39 16.78 24.65 24.24
C LEU A 39 16.82 23.62 25.33
N THR A 40 15.66 23.30 25.88
CA THR A 40 15.58 22.26 26.90
C THR A 40 14.61 21.24 26.37
N TYR A 41 14.84 19.99 26.73
CA TYR A 41 13.98 18.90 26.28
C TYR A 41 14.06 17.85 27.36
N VAL A 42 12.91 17.35 27.79
CA VAL A 42 12.92 16.35 28.83
C VAL A 42 12.34 15.04 28.31
N SER A 43 12.85 13.93 28.84
CA SER A 43 12.37 12.62 28.42
C SER A 43 11.27 12.21 29.36
N PRO A 44 10.61 11.08 29.06
CA PRO A 44 9.53 10.57 29.90
C PRO A 44 9.96 10.26 31.33
N SER A 45 11.26 10.24 31.57
CA SER A 45 11.79 9.97 32.91
C SER A 45 12.04 11.28 33.62
N GLY A 46 11.83 12.38 32.90
CA GLY A 46 12.02 13.68 33.48
C GLY A 46 13.43 14.19 33.39
N LYS A 47 14.21 13.58 32.51
CA LYS A 47 15.61 13.97 32.29
C LYS A 47 15.62 15.21 31.43
N LYS A 48 16.11 16.30 32.00
CA LYS A 48 16.15 17.57 31.31
C LYS A 48 17.54 17.86 30.75
N ASN A 49 17.60 18.20 29.47
CA ASN A 49 18.86 18.53 28.84
C ASN A 49 18.80 19.93 28.29
N GLU A 50 19.89 20.66 28.48
CA GLU A 50 20.00 22.04 28.00
C GLU A 50 21.10 22.20 26.96
N MET A 51 20.94 23.27 26.18
CA MET A 51 21.88 23.63 25.13
C MET A 51 21.59 25.08 24.79
N GLU A 52 22.64 25.80 24.43
CA GLU A 52 22.51 27.19 24.03
C GLU A 52 22.73 27.22 22.52
N ILE A 53 21.86 27.93 21.82
CA ILE A 53 21.93 28.02 20.37
C ILE A 53 22.21 29.45 19.96
N PRO A 54 23.15 29.64 19.00
CA PRO A 54 23.58 30.94 18.46
C PRO A 54 22.41 31.76 17.94
N VAL A 55 22.48 33.07 18.13
CA VAL A 55 21.42 33.95 17.67
C VAL A 55 21.14 33.85 16.17
N ASP A 56 22.11 33.37 15.41
CA ASP A 56 21.98 33.25 13.97
C ASP A 56 21.32 31.97 13.45
N SER A 57 20.82 31.13 14.34
CA SER A 57 20.17 29.89 13.91
C SER A 57 18.65 29.92 13.98
N THR A 58 18.02 29.25 13.01
CA THR A 58 16.57 29.12 12.98
C THR A 58 16.29 27.65 12.75
N SER A 59 17.36 26.86 12.82
CA SER A 59 17.32 25.42 12.59
C SER A 59 18.44 24.80 13.42
N PHE A 60 18.22 23.57 13.88
CA PHE A 60 19.20 22.88 14.70
C PHE A 60 18.78 21.42 14.78
N ILE A 61 19.73 20.51 14.56
CA ILE A 61 19.46 19.07 14.64
C ILE A 61 19.74 18.56 16.05
N LEU A 62 18.68 18.13 16.70
CA LEU A 62 18.80 17.61 18.06
C LEU A 62 19.32 16.17 17.95
N ARG A 63 20.35 15.85 18.71
CA ARG A 63 20.93 14.51 18.65
C ARG A 63 21.18 13.86 20.01
N GLY A 64 21.43 12.55 19.97
CA GLY A 64 21.72 11.81 21.19
C GLY A 64 20.49 11.36 21.94
N LEU A 65 19.39 11.23 21.21
CA LEU A 65 18.13 10.82 21.80
C LEU A 65 17.94 9.30 21.75
N ASP A 66 16.92 8.81 22.45
CA ASP A 66 16.61 7.38 22.47
C ASP A 66 15.54 7.11 21.41
N ALA A 67 15.39 5.85 21.00
CA ALA A 67 14.45 5.49 19.95
C ALA A 67 12.99 5.32 20.39
N GLY A 68 12.06 5.67 19.50
CA GLY A 68 10.65 5.55 19.80
C GLY A 68 10.35 6.11 21.16
N THR A 69 10.75 7.35 21.39
CA THR A 69 10.56 8.02 22.68
C THR A 69 10.01 9.42 22.41
N GLU A 70 9.08 9.88 23.25
CA GLU A 70 8.55 11.21 23.05
C GLU A 70 9.28 12.22 23.92
N TYR A 71 9.48 13.42 23.41
CA TYR A 71 10.15 14.48 24.15
C TYR A 71 9.37 15.80 24.16
N THR A 72 9.41 16.47 25.30
CA THR A 72 8.76 17.76 25.41
C THR A 72 9.90 18.71 25.09
N ILE A 73 9.79 19.42 23.97
CA ILE A 73 10.84 20.35 23.59
C ILE A 73 10.37 21.78 23.75
N SER A 74 11.19 22.60 24.42
CA SER A 74 10.89 24.00 24.62
C SER A 74 12.10 24.90 24.35
N LEU A 75 11.84 25.95 23.59
CA LEU A 75 12.85 26.91 23.23
C LEU A 75 12.49 28.26 23.82
N VAL A 76 13.51 29.01 24.21
CA VAL A 76 13.32 30.31 24.82
C VAL A 76 14.47 31.25 24.45
N ALA A 77 14.14 32.51 24.22
CA ALA A 77 15.14 33.52 23.89
C ALA A 77 15.62 34.22 25.19
N GLU A 78 16.92 34.07 25.49
CA GLU A 78 17.51 34.69 26.67
C GLU A 78 18.01 36.06 26.22
N LYS A 79 17.31 37.11 26.69
CA LYS A 79 17.61 38.51 26.37
C LYS A 79 18.75 39.14 27.20
N GLY A 80 19.16 38.43 28.25
CA GLY A 80 20.23 38.85 29.14
C GLY A 80 20.16 37.92 30.34
N ARG A 81 19.28 38.24 31.28
CA ARG A 81 19.06 37.41 32.45
C ARG A 81 17.55 37.10 32.39
N HIS A 82 16.89 37.73 31.42
CA HIS A 82 15.47 37.58 31.16
C HIS A 82 15.24 36.55 30.05
N LYS A 83 14.60 35.45 30.40
CA LYS A 83 14.29 34.40 29.45
C LYS A 83 12.88 34.71 28.97
N SER A 84 12.67 34.72 27.67
CA SER A 84 11.34 35.00 27.13
C SER A 84 10.31 33.93 27.53
N LYS A 85 9.11 34.03 26.96
CA LYS A 85 8.06 33.06 27.23
C LYS A 85 8.45 31.82 26.44
N PRO A 86 8.36 30.62 27.04
CA PRO A 86 8.73 29.37 26.37
C PRO A 86 7.81 28.98 25.23
N THR A 87 8.40 28.51 24.14
CA THR A 87 7.65 28.04 23.01
C THR A 87 7.80 26.52 23.11
N THR A 88 6.69 25.79 23.20
CA THR A 88 6.75 24.36 23.39
C THR A 88 6.08 23.46 22.37
N ILE A 89 6.70 22.30 22.14
CA ILE A 89 6.18 21.27 21.25
C ILE A 89 6.68 19.92 21.74
N LYS A 90 6.04 18.88 21.19
CA LYS A 90 6.39 17.51 21.50
C LYS A 90 6.81 16.82 20.21
N GLY A 91 7.81 15.98 20.33
CA GLY A 91 8.31 15.24 19.19
C GLY A 91 8.83 13.93 19.71
N SER A 92 8.42 12.85 19.06
CA SER A 92 8.87 11.53 19.45
C SER A 92 9.77 10.97 18.37
N THR A 93 10.83 10.26 18.78
CA THR A 93 11.75 9.64 17.83
C THR A 93 11.07 8.42 17.22
N VAL A 94 11.56 7.96 16.08
CA VAL A 94 10.98 6.79 15.43
C VAL A 94 11.48 5.52 16.11
N VAL A 95 10.70 4.45 16.05
CA VAL A 95 11.10 3.17 16.66
C VAL A 95 12.43 2.69 16.05
N GLY A 96 13.22 1.95 16.85
CA GLY A 96 14.51 1.45 16.38
C GLY A 96 14.55 0.28 15.40
N SER A 97 15.55 0.32 14.51
CA SER A 97 15.78 -0.73 13.49
C SER A 97 16.51 -1.90 14.14
N PRO A 98 16.29 -3.15 13.64
CA PRO A 98 17.00 -4.30 14.22
C PRO A 98 18.46 -4.04 13.84
N LYS A 99 19.40 -4.56 14.61
CA LYS A 99 20.82 -4.29 14.35
C LYS A 99 21.60 -5.13 13.34
N GLY A 100 21.27 -6.40 13.19
CA GLY A 100 22.03 -7.20 12.24
C GLY A 100 21.29 -8.37 11.63
N ILE A 101 21.21 -8.39 10.31
CA ILE A 101 20.54 -9.48 9.65
C ILE A 101 21.55 -10.59 9.35
N SER A 102 21.20 -11.82 9.68
CA SER A 102 22.08 -12.96 9.43
C SER A 102 21.29 -14.11 8.85
N PHE A 103 21.98 -14.93 8.07
CA PHE A 103 21.35 -16.08 7.44
C PHE A 103 22.05 -17.37 7.87
N SER A 104 21.24 -18.43 7.96
CA SER A 104 21.73 -19.75 8.35
C SER A 104 20.77 -20.83 7.86
N ASP A 105 21.17 -22.09 8.02
CA ASP A 105 20.37 -23.25 7.62
C ASP A 105 19.84 -23.06 6.21
N ILE A 106 20.71 -22.55 5.33
CA ILE A 106 20.32 -22.31 3.95
C ILE A 106 20.05 -23.65 3.31
N THR A 107 19.29 -23.64 2.22
CA THR A 107 18.93 -24.87 1.52
C THR A 107 18.51 -24.49 0.12
N GLU A 108 18.07 -25.48 -0.63
CA GLU A 108 17.61 -25.28 -1.98
C GLU A 108 16.24 -24.59 -1.92
N ASN A 109 15.54 -24.71 -0.78
CA ASN A 109 14.20 -24.13 -0.61
C ASN A 109 13.85 -23.38 0.67
N SER A 110 14.76 -23.32 1.63
CA SER A 110 14.46 -22.63 2.88
C SER A 110 15.68 -22.06 3.60
N ALA A 111 15.45 -20.98 4.35
CA ALA A 111 16.51 -20.33 5.10
C ALA A 111 16.02 -19.71 6.39
N THR A 112 16.85 -19.77 7.41
CA THR A 112 16.54 -19.21 8.70
C THR A 112 17.18 -17.84 8.82
N VAL A 113 16.36 -16.79 8.68
CA VAL A 113 16.84 -15.42 8.82
C VAL A 113 16.67 -15.04 10.29
N SER A 114 17.71 -14.43 10.85
CA SER A 114 17.70 -14.02 12.24
C SER A 114 18.16 -12.57 12.36
N TRP A 115 17.82 -11.89 13.46
CA TRP A 115 18.21 -10.49 13.66
C TRP A 115 18.42 -10.13 15.10
N THR A 116 19.24 -9.13 15.36
CA THR A 116 19.46 -8.72 16.73
C THR A 116 18.57 -7.53 17.06
N PRO A 117 17.70 -7.71 18.07
CA PRO A 117 16.74 -6.77 18.60
C PRO A 117 17.33 -5.47 19.08
N PRO A 118 16.60 -4.37 18.85
CA PRO A 118 16.98 -3.01 19.25
C PRO A 118 16.65 -2.76 20.72
N ARG A 119 17.22 -1.67 21.27
CA ARG A 119 16.97 -1.28 22.66
C ARG A 119 15.79 -0.33 22.61
N SER A 120 14.63 -0.90 22.27
CA SER A 120 13.39 -0.15 22.15
C SER A 120 12.22 -1.13 22.23
N ARG A 121 11.14 -0.70 22.87
CA ARG A 121 9.96 -1.53 23.01
C ARG A 121 9.42 -1.78 21.62
N VAL A 122 9.22 -3.06 21.29
CA VAL A 122 8.74 -3.44 19.96
C VAL A 122 7.65 -4.50 19.99
N ASP A 123 6.60 -4.28 19.21
CA ASP A 123 5.46 -5.20 19.13
C ASP A 123 5.68 -6.34 18.15
N SER A 124 6.15 -6.02 16.94
CA SER A 124 6.40 -7.01 15.89
C SER A 124 7.52 -6.62 14.90
N TYR A 125 7.77 -7.48 13.91
CA TYR A 125 8.78 -7.21 12.89
C TYR A 125 8.22 -7.58 11.52
N ARG A 126 8.45 -6.74 10.51
CA ARG A 126 7.98 -7.05 9.17
C ARG A 126 9.17 -7.47 8.29
N VAL A 127 9.27 -8.77 8.04
CA VAL A 127 10.32 -9.36 7.24
C VAL A 127 9.87 -9.53 5.80
N SER A 128 10.38 -8.70 4.91
CA SER A 128 10.03 -8.82 3.50
C SER A 128 11.19 -9.47 2.71
N TYR A 129 10.87 -10.14 1.61
CA TYR A 129 11.92 -10.76 0.80
C TYR A 129 11.49 -10.86 -0.65
N VAL A 130 12.41 -10.53 -1.56
CA VAL A 130 12.13 -10.59 -2.98
C VAL A 130 13.44 -10.82 -3.76
N PRO A 131 13.37 -11.54 -4.89
CA PRO A 131 14.58 -11.79 -5.69
C PRO A 131 15.10 -10.52 -6.33
N ILE A 132 16.43 -10.36 -6.28
CA ILE A 132 17.14 -9.20 -6.82
C ILE A 132 16.63 -8.68 -8.15
N THR A 133 16.18 -9.59 -9.02
CA THR A 133 15.68 -9.23 -10.34
C THR A 133 14.35 -8.48 -10.25
N GLY A 134 13.81 -8.38 -9.03
CA GLY A 134 12.56 -7.66 -8.82
C GLY A 134 11.29 -8.48 -8.71
N GLY A 135 10.20 -7.77 -8.37
CA GLY A 135 8.89 -8.40 -8.21
C GLY A 135 8.15 -7.75 -7.05
N THR A 136 7.04 -8.36 -6.61
CA THR A 136 6.28 -7.83 -5.46
C THR A 136 6.74 -8.63 -4.24
N PRO A 137 7.15 -7.94 -3.18
CA PRO A 137 7.63 -8.55 -1.94
C PRO A 137 6.73 -9.59 -1.32
N ASN A 138 7.34 -10.41 -0.47
CA ASN A 138 6.65 -11.45 0.25
C ASN A 138 6.94 -11.10 1.71
N VAL A 139 5.96 -10.48 2.35
CA VAL A 139 6.10 -10.04 3.73
C VAL A 139 5.57 -11.05 4.75
N VAL A 140 6.35 -11.30 5.80
CA VAL A 140 5.96 -12.21 6.86
C VAL A 140 6.09 -11.49 8.19
N THR A 141 5.05 -11.54 9.02
CA THR A 141 5.10 -10.86 10.29
C THR A 141 5.38 -11.88 11.41
N VAL A 142 6.21 -11.47 12.37
CA VAL A 142 6.57 -12.35 13.47
C VAL A 142 6.56 -11.53 14.75
N ASP A 143 6.09 -12.13 15.84
CA ASP A 143 5.96 -11.48 17.14
C ASP A 143 7.26 -10.90 17.72
N GLY A 144 7.11 -9.81 18.46
CA GLY A 144 8.23 -9.10 19.05
C GLY A 144 9.22 -9.81 19.94
N SER A 145 8.80 -10.87 20.61
CA SER A 145 9.69 -11.63 21.48
C SER A 145 10.61 -12.52 20.64
N LYS A 146 10.14 -12.85 19.44
CA LYS A 146 10.87 -13.69 18.49
C LYS A 146 12.02 -12.93 17.88
N THR A 147 13.15 -13.61 17.70
CA THR A 147 14.35 -13.00 17.14
C THR A 147 14.80 -13.69 15.85
N ARG A 148 13.95 -14.56 15.31
CA ARG A 148 14.26 -15.28 14.06
C ARG A 148 13.04 -15.93 13.42
N THR A 149 13.17 -16.26 12.14
CA THR A 149 12.10 -16.93 11.41
C THR A 149 12.63 -17.76 10.26
N LYS A 150 11.76 -18.65 9.78
CA LYS A 150 12.07 -19.56 8.70
C LYS A 150 11.38 -19.10 7.43
N LEU A 151 12.12 -19.08 6.34
CA LEU A 151 11.54 -18.70 5.05
C LEU A 151 11.40 -20.01 4.27
N VAL A 152 10.28 -20.16 3.57
CA VAL A 152 10.01 -21.36 2.79
C VAL A 152 9.57 -21.02 1.39
N LYS A 153 9.43 -22.05 0.56
CA LYS A 153 9.04 -21.89 -0.84
C LYS A 153 10.08 -21.06 -1.61
N LEU A 154 11.32 -21.12 -1.15
CA LEU A 154 12.41 -20.40 -1.79
C LEU A 154 12.96 -21.14 -3.03
N VAL A 155 13.00 -20.43 -4.15
CA VAL A 155 13.51 -20.97 -5.41
C VAL A 155 15.01 -21.24 -5.29
N PRO A 156 15.48 -22.41 -5.75
CA PRO A 156 16.89 -22.73 -5.66
C PRO A 156 17.71 -21.78 -6.53
N GLY A 157 18.93 -21.48 -6.05
CA GLY A 157 19.82 -20.61 -6.78
C GLY A 157 19.23 -19.30 -7.27
N VAL A 158 19.20 -18.32 -6.36
CA VAL A 158 18.71 -16.99 -6.66
C VAL A 158 18.97 -16.12 -5.45
N ASP A 159 19.45 -14.92 -5.71
CA ASP A 159 19.75 -13.96 -4.64
C ASP A 159 18.48 -13.23 -4.23
N TYR A 160 18.23 -13.23 -2.92
CA TYR A 160 17.04 -12.62 -2.35
C TYR A 160 17.32 -11.38 -1.51
N ASN A 161 16.65 -10.27 -1.82
CA ASN A 161 16.80 -9.04 -1.05
C ASN A 161 15.88 -9.21 0.17
N VAL A 162 16.45 -9.18 1.37
CA VAL A 162 15.67 -9.38 2.59
C VAL A 162 15.74 -8.23 3.54
N ASN A 163 14.60 -7.60 3.74
CA ASN A 163 14.43 -6.45 4.62
C ASN A 163 13.67 -6.82 5.88
N ILE A 164 14.06 -6.22 6.98
CA ILE A 164 13.40 -6.45 8.27
C ILE A 164 13.12 -5.08 8.89
N ILE A 165 11.89 -4.90 9.37
CA ILE A 165 11.47 -3.63 9.97
C ILE A 165 10.82 -3.87 11.31
N SER A 166 11.08 -2.99 12.27
CA SER A 166 10.46 -3.09 13.61
C SER A 166 9.14 -2.32 13.58
N VAL A 167 8.16 -2.81 14.33
CA VAL A 167 6.85 -2.18 14.39
C VAL A 167 6.36 -2.08 15.83
N LYS A 168 5.88 -0.89 16.19
CA LYS A 168 5.34 -0.66 17.52
C LYS A 168 4.13 0.23 17.31
N GLY A 169 2.96 -0.32 17.60
CA GLY A 169 1.74 0.42 17.40
C GLY A 169 1.54 0.53 15.91
N PHE A 170 1.75 1.73 15.36
CA PHE A 170 1.61 2.00 13.92
C PHE A 170 2.95 2.47 13.38
N GLU A 171 3.88 2.72 14.29
CA GLU A 171 5.21 3.16 13.92
C GLU A 171 6.04 2.00 13.41
N GLU A 172 6.74 2.25 12.31
CA GLU A 172 7.60 1.25 11.72
C GLU A 172 8.94 1.89 11.37
N SER A 173 9.99 1.33 11.95
CA SER A 173 11.33 1.83 11.76
C SER A 173 11.91 1.73 10.36
N GLU A 174 13.18 2.12 10.29
CA GLU A 174 13.97 2.04 9.08
C GLU A 174 14.35 0.56 8.96
N PRO A 175 14.33 0.02 7.75
CA PRO A 175 14.67 -1.38 7.57
C PRO A 175 16.15 -1.61 7.45
N ILE A 176 16.56 -2.85 7.67
CA ILE A 176 17.96 -3.29 7.51
C ILE A 176 17.80 -4.39 6.48
N SER A 177 18.81 -4.64 5.67
CA SER A 177 18.65 -5.71 4.72
C SER A 177 19.91 -6.49 4.47
N GLY A 178 19.73 -7.63 3.81
CA GLY A 178 20.85 -8.48 3.47
C GLY A 178 20.46 -9.30 2.27
N ILE A 179 21.46 -9.89 1.62
CA ILE A 179 21.22 -10.73 0.45
C ILE A 179 21.15 -12.18 0.90
N LEU A 180 20.14 -12.90 0.43
CA LEU A 180 20.01 -14.30 0.76
C LEU A 180 20.21 -15.12 -0.50
N LYS A 181 21.23 -15.98 -0.48
CA LYS A 181 21.59 -16.86 -1.59
C LYS A 181 21.10 -18.27 -1.33
N THR A 182 20.11 -18.70 -2.10
CA THR A 182 19.50 -20.03 -1.97
C THR A 182 20.45 -21.19 -2.30
N ASP B 8 -28.35 23.29 -6.25
CA ASP B 8 -29.25 22.63 -5.26
C ASP B 8 -28.95 21.14 -5.19
N ASN B 9 -28.53 20.60 -6.34
CA ASN B 9 -28.16 19.19 -6.47
C ASN B 9 -26.63 19.07 -6.64
N PRO B 10 -26.04 17.88 -6.33
CA PRO B 10 -24.59 17.69 -6.47
C PRO B 10 -24.14 17.94 -7.89
N LYS B 11 -22.93 18.47 -8.03
CA LYS B 11 -22.40 18.74 -9.35
C LYS B 11 -21.16 17.91 -9.63
N ASP B 12 -20.95 17.64 -10.92
CA ASP B 12 -19.79 16.89 -11.39
C ASP B 12 -19.51 15.56 -10.70
N LEU B 13 -20.49 14.66 -10.74
CA LEU B 13 -20.35 13.35 -10.15
C LEU B 13 -19.58 12.54 -11.17
N GLU B 14 -18.48 11.92 -10.76
CA GLU B 14 -17.73 11.09 -11.69
C GLU B 14 -17.14 9.86 -11.06
N VAL B 15 -17.11 8.80 -11.85
CA VAL B 15 -16.55 7.52 -11.44
C VAL B 15 -15.16 7.32 -12.08
N SER B 16 -14.24 6.78 -11.28
CA SER B 16 -12.87 6.55 -11.73
C SER B 16 -12.19 5.46 -10.91
N ASP B 17 -11.00 5.08 -11.36
CA ASP B 17 -10.18 4.03 -10.72
C ASP B 17 -10.98 2.76 -10.41
N PRO B 18 -11.60 2.17 -11.43
CA PRO B 18 -12.39 0.95 -11.28
C PRO B 18 -11.54 -0.28 -11.09
N THR B 19 -12.05 -1.24 -10.32
CA THR B 19 -11.36 -2.51 -10.16
C THR B 19 -12.44 -3.54 -10.36
N GLU B 20 -12.19 -4.76 -9.88
CA GLU B 20 -13.13 -5.86 -10.05
C GLU B 20 -14.41 -5.70 -9.25
N THR B 21 -14.29 -5.16 -8.03
CA THR B 21 -15.43 -4.97 -7.12
C THR B 21 -15.42 -3.55 -6.52
N THR B 22 -14.90 -2.59 -7.26
CA THR B 22 -14.78 -1.24 -6.74
C THR B 22 -14.90 -0.14 -7.79
N LEU B 23 -15.46 0.99 -7.33
CA LEU B 23 -15.62 2.19 -8.13
C LEU B 23 -15.38 3.33 -7.17
N SER B 24 -14.63 4.31 -7.63
CA SER B 24 -14.30 5.45 -6.81
C SER B 24 -15.13 6.64 -7.30
N LEU B 25 -15.85 7.27 -6.37
CA LEU B 25 -16.70 8.40 -6.72
C LEU B 25 -16.23 9.72 -6.12
N ARG B 26 -16.53 10.80 -6.83
CA ARG B 26 -16.19 12.13 -6.35
C ARG B 26 -17.23 13.07 -6.94
N TRP B 27 -17.61 14.08 -6.16
CA TRP B 27 -18.60 15.04 -6.61
C TRP B 27 -18.35 16.41 -5.97
N ARG B 28 -19.08 17.42 -6.44
CA ARG B 28 -18.97 18.77 -5.89
C ARG B 28 -20.13 19.00 -4.92
N ARG B 29 -19.85 19.64 -3.79
CA ARG B 29 -20.86 19.94 -2.77
C ARG B 29 -21.89 21.00 -3.24
N PRO B 30 -23.18 20.77 -2.95
CA PRO B 30 -24.24 21.72 -3.35
C PRO B 30 -24.21 22.96 -2.43
N VAL B 31 -24.75 24.07 -2.91
CA VAL B 31 -24.78 25.30 -2.12
C VAL B 31 -25.89 25.29 -1.07
N ALA B 32 -26.90 24.45 -1.29
CA ALA B 32 -28.05 24.32 -0.38
C ALA B 32 -27.66 23.82 1.04
N LYS B 33 -28.67 23.61 1.90
CA LYS B 33 -28.42 23.10 3.25
C LYS B 33 -28.46 21.59 3.19
N PHE B 34 -28.00 20.92 4.23
CA PHE B 34 -27.93 19.47 4.19
C PHE B 34 -28.18 18.69 5.44
N ASP B 35 -28.49 17.42 5.24
CA ASP B 35 -28.70 16.45 6.30
C ASP B 35 -27.67 15.35 6.03
N ARG B 36 -27.63 14.92 4.77
CA ARG B 36 -26.73 13.85 4.32
C ARG B 36 -26.97 13.61 2.82
N TYR B 37 -26.19 12.72 2.22
CA TYR B 37 -26.37 12.38 0.81
C TYR B 37 -26.96 10.98 0.75
N ARG B 38 -27.64 10.68 -0.35
CA ARG B 38 -28.19 9.34 -0.56
C ARG B 38 -27.68 8.81 -1.91
N LEU B 39 -26.93 7.71 -1.84
CA LEU B 39 -26.38 7.08 -3.03
C LEU B 39 -27.22 5.86 -3.36
N THR B 40 -27.68 5.80 -4.60
CA THR B 40 -28.48 4.69 -5.07
C THR B 40 -27.87 4.16 -6.38
N TYR B 41 -27.59 2.85 -6.44
CA TYR B 41 -27.03 2.26 -7.66
C TYR B 41 -27.78 1.03 -8.20
N VAL B 42 -28.08 1.05 -9.49
CA VAL B 42 -28.80 -0.07 -10.09
C VAL B 42 -28.02 -0.77 -11.20
N SER B 43 -28.09 -2.09 -11.20
CA SER B 43 -27.40 -2.94 -12.18
C SER B 43 -28.37 -3.30 -13.31
N PRO B 44 -27.88 -3.99 -14.35
CA PRO B 44 -28.74 -4.38 -15.46
C PRO B 44 -29.75 -5.42 -15.00
N SER B 45 -29.39 -6.16 -13.96
CA SER B 45 -30.27 -7.17 -13.39
C SER B 45 -31.49 -6.46 -12.78
N GLY B 46 -31.26 -5.26 -12.28
CA GLY B 46 -32.33 -4.49 -11.68
C GLY B 46 -32.16 -4.35 -10.17
N LYS B 47 -31.06 -4.90 -9.65
CA LYS B 47 -30.79 -4.81 -8.22
C LYS B 47 -30.33 -3.42 -7.82
N LYS B 48 -31.23 -2.70 -7.17
CA LYS B 48 -30.96 -1.36 -6.69
C LYS B 48 -30.54 -1.42 -5.23
N ASN B 49 -29.46 -0.72 -4.90
CA ASN B 49 -28.96 -0.64 -3.53
C ASN B 49 -28.73 0.82 -3.23
N GLU B 50 -28.57 1.14 -1.95
CA GLU B 50 -28.34 2.52 -1.56
C GLU B 50 -27.63 2.61 -0.23
N MET B 51 -27.08 3.79 0.03
CA MET B 51 -26.36 4.07 1.27
C MET B 51 -26.51 5.55 1.57
N GLU B 52 -26.39 5.89 2.85
CA GLU B 52 -26.50 7.28 3.28
C GLU B 52 -25.06 7.73 3.52
N ILE B 53 -24.65 8.75 2.80
CA ILE B 53 -23.29 9.28 2.87
C ILE B 53 -23.22 10.61 3.64
N PRO B 54 -22.26 10.73 4.59
CA PRO B 54 -22.03 11.92 5.42
C PRO B 54 -22.04 13.25 4.66
N VAL B 55 -22.19 14.36 5.38
CA VAL B 55 -22.28 15.68 4.77
C VAL B 55 -20.96 16.25 4.22
N ASP B 56 -19.87 16.04 4.94
CA ASP B 56 -18.53 16.54 4.55
C ASP B 56 -17.86 15.77 3.42
N SER B 57 -18.42 14.61 3.08
CA SER B 57 -17.89 13.75 2.05
C SER B 57 -18.04 14.23 0.61
N THR B 58 -16.91 14.25 -0.11
CA THR B 58 -16.89 14.61 -1.52
C THR B 58 -16.30 13.46 -2.33
N SER B 59 -16.08 12.35 -1.63
CA SER B 59 -15.52 11.13 -2.22
C SER B 59 -16.07 9.90 -1.51
N PHE B 60 -16.27 8.83 -2.26
CA PHE B 60 -16.75 7.59 -1.70
C PHE B 60 -16.33 6.41 -2.57
N ILE B 61 -15.84 5.35 -1.93
CA ILE B 61 -15.42 4.15 -2.67
C ILE B 61 -16.56 3.14 -2.60
N LEU B 62 -17.30 3.03 -3.69
CA LEU B 62 -18.41 2.09 -3.74
C LEU B 62 -17.87 0.66 -3.90
N ARG B 63 -17.85 -0.08 -2.79
CA ARG B 63 -17.34 -1.45 -2.75
C ARG B 63 -18.39 -2.53 -2.95
N GLY B 64 -17.93 -3.78 -2.89
CA GLY B 64 -18.80 -4.94 -3.03
C GLY B 64 -19.45 -5.26 -4.37
N LEU B 65 -19.02 -4.61 -5.44
CA LEU B 65 -19.61 -4.87 -6.76
C LEU B 65 -19.12 -6.16 -7.42
N ASP B 66 -19.74 -6.52 -8.56
CA ASP B 66 -19.34 -7.71 -9.31
C ASP B 66 -18.44 -7.25 -10.46
N ALA B 67 -17.69 -8.17 -11.05
CA ALA B 67 -16.80 -7.80 -12.15
C ALA B 67 -17.54 -7.60 -13.48
N GLY B 68 -16.91 -6.84 -14.37
CA GLY B 68 -17.45 -6.58 -15.69
C GLY B 68 -18.87 -6.03 -15.83
N THR B 69 -19.45 -5.56 -14.72
CA THR B 69 -20.80 -5.00 -14.77
C THR B 69 -20.84 -3.47 -14.83
N GLU B 70 -21.80 -2.96 -15.58
CA GLU B 70 -21.96 -1.53 -15.73
C GLU B 70 -23.10 -1.09 -14.83
N TYR B 71 -22.81 -0.18 -13.90
CA TYR B 71 -23.82 0.32 -12.97
C TYR B 71 -24.29 1.74 -13.28
N THR B 72 -25.55 2.02 -12.95
CA THR B 72 -26.14 3.35 -13.09
C THR B 72 -26.15 3.91 -11.66
N ILE B 73 -25.33 4.93 -11.45
CA ILE B 73 -25.16 5.55 -10.14
C ILE B 73 -25.81 6.91 -10.07
N SER B 74 -26.59 7.14 -9.01
CA SER B 74 -27.30 8.40 -8.78
C SER B 74 -26.99 8.92 -7.41
N LEU B 75 -26.87 10.22 -7.29
CA LEU B 75 -26.62 10.82 -5.99
C LEU B 75 -27.64 11.95 -5.83
N VAL B 76 -28.19 12.04 -4.62
CA VAL B 76 -29.18 13.07 -4.27
C VAL B 76 -28.85 13.58 -2.86
N ALA B 77 -29.16 14.85 -2.63
CA ALA B 77 -28.96 15.48 -1.34
C ALA B 77 -30.24 15.45 -0.52
N GLU B 78 -30.16 14.83 0.66
CA GLU B 78 -31.30 14.75 1.58
C GLU B 78 -31.29 15.98 2.49
N LYS B 79 -32.18 16.92 2.22
CA LYS B 79 -32.28 18.16 2.98
C LYS B 79 -33.36 18.18 4.07
N GLY B 80 -33.43 17.08 4.83
CA GLY B 80 -34.42 16.95 5.89
C GLY B 80 -35.30 15.73 5.69
N ARG B 81 -36.14 15.79 4.66
CA ARG B 81 -37.07 14.72 4.32
C ARG B 81 -37.42 14.85 2.84
N HIS B 82 -36.91 15.92 2.22
CA HIS B 82 -37.12 16.21 0.80
C HIS B 82 -35.84 15.91 0.03
N LYS B 83 -35.92 14.96 -0.90
CA LYS B 83 -34.75 14.58 -1.71
C LYS B 83 -34.52 15.58 -2.85
N SER B 84 -33.25 15.85 -3.14
CA SER B 84 -32.89 16.79 -4.21
C SER B 84 -32.96 16.12 -5.58
N LYS B 85 -32.86 16.92 -6.63
CA LYS B 85 -32.87 16.36 -7.98
C LYS B 85 -31.58 15.52 -8.04
N PRO B 86 -31.66 14.32 -8.65
CA PRO B 86 -30.53 13.40 -8.77
C PRO B 86 -29.52 13.67 -9.88
N THR B 87 -28.25 13.49 -9.53
CA THR B 87 -27.14 13.63 -10.48
C THR B 87 -26.82 12.17 -10.86
N THR B 88 -26.82 11.89 -12.15
CA THR B 88 -26.58 10.52 -12.60
C THR B 88 -25.47 10.32 -13.62
N ILE B 89 -24.69 9.27 -13.37
CA ILE B 89 -23.61 8.86 -14.25
C ILE B 89 -23.62 7.32 -14.29
N LYS B 90 -23.00 6.77 -15.33
CA LYS B 90 -22.88 5.32 -15.54
C LYS B 90 -21.41 4.93 -15.40
N GLY B 91 -21.16 3.89 -14.60
CA GLY B 91 -19.80 3.41 -14.38
C GLY B 91 -19.72 1.89 -14.45
N SER B 92 -18.75 1.36 -15.20
CA SER B 92 -18.57 -0.08 -15.33
C SER B 92 -17.33 -0.54 -14.62
N THR B 93 -17.39 -1.72 -14.02
CA THR B 93 -16.25 -2.28 -13.32
C THR B 93 -15.38 -3.01 -14.32
N VAL B 94 -14.13 -3.27 -13.95
CA VAL B 94 -13.21 -3.97 -14.85
C VAL B 94 -13.26 -5.50 -14.60
N VAL B 95 -12.59 -6.28 -15.46
CA VAL B 95 -12.53 -7.74 -15.30
C VAL B 95 -11.07 -8.15 -15.06
N GLY B 96 -10.86 -8.94 -14.01
CA GLY B 96 -9.52 -9.39 -13.68
C GLY B 96 -9.06 -10.53 -14.57
N SER B 97 -7.75 -10.61 -14.76
CA SER B 97 -7.19 -11.68 -15.58
C SER B 97 -6.73 -12.77 -14.63
N PRO B 98 -6.51 -14.00 -15.14
CA PRO B 98 -6.05 -15.06 -14.22
C PRO B 98 -4.68 -14.63 -13.65
N LYS B 99 -4.23 -15.26 -12.57
CA LYS B 99 -2.94 -14.85 -11.97
C LYS B 99 -1.79 -15.83 -12.11
N GLY B 100 -2.09 -17.06 -12.52
CA GLY B 100 -1.05 -18.04 -12.68
C GLY B 100 -1.40 -18.96 -13.83
N ILE B 101 -0.41 -19.21 -14.70
CA ILE B 101 -0.60 -20.08 -15.86
C ILE B 101 0.41 -21.21 -15.85
N SER B 102 -0.06 -22.44 -16.05
CA SER B 102 0.84 -23.59 -16.05
C SER B 102 0.51 -24.62 -17.12
N PHE B 103 1.47 -25.51 -17.34
CA PHE B 103 1.33 -26.58 -18.32
C PHE B 103 1.72 -27.89 -17.64
N SER B 104 1.09 -28.97 -18.09
CA SER B 104 1.36 -30.31 -17.58
C SER B 104 0.96 -31.30 -18.66
N ASP B 105 1.26 -32.58 -18.43
CA ASP B 105 0.92 -33.64 -19.38
C ASP B 105 1.38 -33.26 -20.78
N ILE B 106 2.60 -32.74 -20.88
CA ILE B 106 3.19 -32.32 -22.14
C ILE B 106 3.66 -33.53 -22.96
N THR B 107 3.22 -33.60 -24.21
CA THR B 107 3.61 -34.71 -25.10
C THR B 107 3.97 -34.18 -26.51
N GLU B 108 4.05 -35.11 -27.46
CA GLU B 108 4.38 -34.73 -28.82
C GLU B 108 3.26 -33.89 -29.41
N ASN B 109 2.02 -34.36 -29.23
CA ASN B 109 0.85 -33.69 -29.78
C ASN B 109 -0.06 -32.93 -28.81
N SER B 110 0.16 -33.09 -27.51
CA SER B 110 -0.71 -32.44 -26.54
C SER B 110 -0.08 -31.80 -25.31
N ALA B 111 -0.94 -31.09 -24.58
CA ALA B 111 -0.59 -30.40 -23.35
C ALA B 111 -1.86 -29.93 -22.65
N THR B 112 -1.83 -30.00 -21.33
CA THR B 112 -2.94 -29.59 -20.50
C THR B 112 -2.57 -28.26 -19.86
N VAL B 113 -3.22 -27.20 -20.32
CA VAL B 113 -2.98 -25.88 -19.78
C VAL B 113 -4.04 -25.55 -18.76
N SER B 114 -3.58 -25.02 -17.62
CA SER B 114 -4.48 -24.64 -16.54
C SER B 114 -4.10 -23.26 -16.04
N TRP B 115 -5.02 -22.62 -15.33
CA TRP B 115 -4.79 -21.27 -14.80
C TRP B 115 -5.51 -21.06 -13.47
N THR B 116 -5.06 -20.05 -12.73
CA THR B 116 -5.66 -19.70 -11.45
C THR B 116 -6.63 -18.56 -11.75
N PRO B 117 -7.92 -18.75 -11.38
CA PRO B 117 -9.04 -17.80 -11.57
C PRO B 117 -8.89 -16.42 -10.91
N PRO B 118 -9.55 -15.38 -11.49
CA PRO B 118 -9.50 -14.02 -10.95
C PRO B 118 -10.28 -13.97 -9.64
N ARG B 119 -10.20 -12.85 -8.93
CA ARG B 119 -10.88 -12.67 -7.66
C ARG B 119 -12.41 -12.73 -7.77
N SER B 120 -12.97 -12.03 -8.75
CA SER B 120 -14.41 -12.03 -8.95
C SER B 120 -14.85 -13.27 -9.72
N ARG B 121 -15.78 -13.11 -10.66
CA ARG B 121 -16.28 -14.25 -11.42
C ARG B 121 -16.42 -13.86 -12.89
N VAL B 122 -16.05 -14.80 -13.77
CA VAL B 122 -16.10 -14.57 -15.21
C VAL B 122 -17.05 -15.52 -15.95
N ASP B 123 -17.43 -15.11 -17.16
CA ASP B 123 -18.33 -15.87 -18.01
C ASP B 123 -17.60 -16.90 -18.88
N SER B 124 -16.38 -16.56 -19.29
CA SER B 124 -15.55 -17.45 -20.12
C SER B 124 -14.08 -17.01 -20.17
N TYR B 125 -13.27 -17.78 -20.88
CA TYR B 125 -11.83 -17.50 -21.04
C TYR B 125 -11.46 -17.75 -22.49
N ARG B 126 -10.59 -16.90 -23.01
CA ARG B 126 -10.13 -17.07 -24.38
C ARG B 126 -8.65 -17.47 -24.40
N VAL B 127 -8.41 -18.76 -24.66
CA VAL B 127 -7.06 -19.33 -24.73
C VAL B 127 -6.53 -19.36 -26.15
N SER B 128 -5.54 -18.53 -26.43
CA SER B 128 -4.93 -18.47 -27.74
C SER B 128 -3.52 -19.07 -27.66
N TYR B 129 -3.10 -19.73 -28.73
CA TYR B 129 -1.78 -20.32 -28.79
C TYR B 129 -1.28 -20.25 -30.22
N VAL B 130 -0.04 -19.78 -30.36
CA VAL B 130 0.58 -19.62 -31.66
C VAL B 130 2.04 -20.02 -31.48
N PRO B 131 2.66 -20.64 -32.51
CA PRO B 131 4.05 -21.01 -32.33
C PRO B 131 4.84 -19.71 -32.17
N ILE B 132 5.92 -19.77 -31.40
CA ILE B 132 6.77 -18.62 -31.14
C ILE B 132 7.31 -17.95 -32.41
N THR B 133 7.41 -18.73 -33.48
CA THR B 133 7.91 -18.28 -34.78
C THR B 133 6.85 -17.57 -35.62
N GLY B 134 5.87 -16.99 -34.95
CA GLY B 134 4.81 -16.28 -35.65
C GLY B 134 3.74 -17.11 -36.32
N GLY B 135 2.65 -16.43 -36.66
CA GLY B 135 1.52 -17.06 -37.32
C GLY B 135 0.20 -16.44 -36.91
N THR B 136 -0.86 -17.17 -37.20
CA THR B 136 -2.22 -16.77 -36.85
C THR B 136 -2.54 -17.67 -35.68
N PRO B 137 -2.82 -17.09 -34.52
CA PRO B 137 -3.13 -17.86 -33.30
C PRO B 137 -4.43 -18.65 -33.31
N ASN B 138 -4.40 -19.80 -32.64
CA ASN B 138 -5.56 -20.67 -32.52
C ASN B 138 -6.22 -20.32 -31.17
N VAL B 139 -7.51 -19.99 -31.21
CA VAL B 139 -8.24 -19.61 -30.00
C VAL B 139 -9.32 -20.61 -29.58
N VAL B 140 -9.37 -20.93 -28.29
CA VAL B 140 -10.42 -21.81 -27.78
C VAL B 140 -11.08 -21.14 -26.59
N THR B 141 -12.41 -21.10 -26.63
CA THR B 141 -13.21 -20.49 -25.57
C THR B 141 -13.74 -21.56 -24.63
N VAL B 142 -13.40 -21.43 -23.35
CA VAL B 142 -13.85 -22.36 -22.34
C VAL B 142 -14.79 -21.61 -21.43
N ASP B 143 -15.67 -22.30 -20.70
CA ASP B 143 -16.61 -21.63 -19.81
C ASP B 143 -15.94 -21.14 -18.53
N GLY B 144 -16.46 -20.02 -18.00
CA GLY B 144 -15.91 -19.41 -16.81
C GLY B 144 -15.84 -20.31 -15.60
N SER B 145 -16.53 -21.43 -15.69
CA SER B 145 -16.55 -22.41 -14.63
C SER B 145 -15.19 -23.12 -14.50
N LYS B 146 -14.65 -23.53 -15.66
CA LYS B 146 -13.38 -24.25 -15.82
C LYS B 146 -12.09 -23.50 -15.51
N THR B 147 -11.13 -24.24 -14.95
CA THR B 147 -9.81 -23.71 -14.57
C THR B 147 -8.70 -24.33 -15.45
N ARG B 148 -9.10 -25.04 -16.51
CA ARG B 148 -8.15 -25.67 -17.42
C ARG B 148 -8.76 -26.22 -18.69
N THR B 149 -7.88 -26.54 -19.64
CA THR B 149 -8.29 -27.10 -20.93
C THR B 149 -7.12 -27.91 -21.47
N LYS B 150 -7.42 -28.75 -22.46
CA LYS B 150 -6.38 -29.56 -23.08
C LYS B 150 -6.19 -29.07 -24.51
N LEU B 151 -4.94 -28.81 -24.87
CA LEU B 151 -4.62 -28.36 -26.21
C LEU B 151 -4.22 -29.57 -27.04
N VAL B 152 -4.74 -29.65 -28.27
CA VAL B 152 -4.43 -30.79 -29.14
C VAL B 152 -3.88 -30.38 -30.52
N LYS B 153 -3.48 -31.38 -31.31
CA LYS B 153 -2.92 -31.22 -32.67
C LYS B 153 -1.67 -30.35 -32.71
N LEU B 154 -0.90 -30.46 -31.64
CA LEU B 154 0.33 -29.71 -31.47
C LEU B 154 1.50 -30.37 -32.19
N VAL B 155 2.27 -29.57 -32.92
CA VAL B 155 3.43 -30.04 -33.62
C VAL B 155 4.49 -30.27 -32.54
N PRO B 156 5.21 -31.42 -32.61
CA PRO B 156 6.26 -31.80 -31.65
C PRO B 156 7.49 -30.91 -31.63
N GLY B 157 8.06 -30.74 -30.44
CA GLY B 157 9.26 -29.93 -30.26
C GLY B 157 9.13 -28.42 -30.24
N VAL B 158 8.22 -27.88 -31.05
CA VAL B 158 8.00 -26.44 -31.16
C VAL B 158 7.48 -25.67 -29.93
N ASP B 159 7.97 -24.44 -29.78
CA ASP B 159 7.59 -23.52 -28.69
C ASP B 159 6.34 -22.71 -29.08
N TYR B 160 5.40 -22.62 -28.15
CA TYR B 160 4.16 -21.89 -28.37
C TYR B 160 3.94 -20.72 -27.41
N ASN B 161 3.36 -19.66 -27.91
CA ASN B 161 3.03 -18.49 -27.10
C ASN B 161 1.55 -18.64 -26.72
N VAL B 162 1.27 -18.92 -25.45
CA VAL B 162 -0.12 -19.08 -25.00
C VAL B 162 -0.61 -17.94 -24.13
N ASN B 163 -1.74 -17.36 -24.52
CA ASN B 163 -2.35 -16.25 -23.79
C ASN B 163 -3.71 -16.67 -23.32
N ILE B 164 -4.04 -16.27 -22.10
CA ILE B 164 -5.36 -16.53 -21.53
C ILE B 164 -5.98 -15.18 -21.18
N ILE B 165 -7.21 -14.97 -21.63
CA ILE B 165 -7.94 -13.73 -21.40
C ILE B 165 -9.31 -14.00 -20.76
N SER B 166 -9.60 -13.28 -19.67
CA SER B 166 -10.89 -13.39 -18.97
C SER B 166 -11.93 -12.59 -19.72
N VAL B 167 -13.11 -13.16 -19.87
CA VAL B 167 -14.20 -12.51 -20.58
C VAL B 167 -15.53 -12.51 -19.80
N LYS B 168 -16.00 -11.31 -19.45
CA LYS B 168 -17.25 -11.13 -18.72
C LYS B 168 -18.07 -10.03 -19.41
N GLY B 169 -19.10 -10.44 -20.15
CA GLY B 169 -19.93 -9.48 -20.84
C GLY B 169 -19.24 -8.87 -22.05
N PHE B 170 -19.03 -7.56 -22.00
CA PHE B 170 -18.38 -6.81 -23.09
C PHE B 170 -16.99 -6.40 -22.64
N GLU B 171 -16.64 -6.83 -21.43
CA GLU B 171 -15.36 -6.54 -20.81
C GLU B 171 -14.35 -7.68 -21.03
N GLU B 172 -13.07 -7.34 -20.98
CA GLU B 172 -11.97 -8.29 -21.14
C GLU B 172 -10.83 -7.81 -20.28
N SER B 173 -10.11 -8.76 -19.69
CA SER B 173 -8.96 -8.42 -18.86
C SER B 173 -7.69 -8.38 -19.73
N GLU B 174 -6.61 -7.85 -19.17
CA GLU B 174 -5.35 -7.84 -19.87
C GLU B 174 -4.96 -9.31 -19.77
N PRO B 175 -4.27 -9.87 -20.79
CA PRO B 175 -3.92 -11.28 -20.70
C PRO B 175 -2.62 -11.62 -19.99
N ILE B 176 -2.46 -12.90 -19.67
CA ILE B 176 -1.24 -13.40 -19.07
C ILE B 176 -0.80 -14.49 -20.03
N SER B 177 0.48 -14.54 -20.34
CA SER B 177 0.97 -15.54 -21.26
C SER B 177 2.01 -16.48 -20.67
N GLY B 178 2.32 -17.53 -21.42
CA GLY B 178 3.32 -18.48 -21.00
C GLY B 178 3.88 -19.20 -22.21
N ILE B 179 5.05 -19.82 -22.04
CA ILE B 179 5.69 -20.55 -23.13
C ILE B 179 5.49 -22.06 -22.96
N LEU B 180 4.86 -22.67 -23.94
CA LEU B 180 4.63 -24.10 -23.93
C LEU B 180 5.56 -24.80 -24.92
N LYS B 181 6.33 -25.74 -24.40
CA LYS B 181 7.28 -26.51 -25.20
C LYS B 181 6.81 -27.97 -25.36
N THR B 182 6.46 -28.36 -26.59
CA THR B 182 6.03 -29.74 -26.83
C THR B 182 7.20 -30.74 -26.79
#